data_8VW5
#
_entry.id   8VW5
#
_cell.length_a   55.198
_cell.length_b   56.820
_cell.length_c   71.568
_cell.angle_alpha   102.90
_cell.angle_beta   96.55
_cell.angle_gamma   111.97
#
_symmetry.space_group_name_H-M   'P 1'
#
loop_
_entity.id
_entity.type
_entity.pdbx_description
1 polymer 'E3 ubiquitin-protein ligase CBL-B'
2 polymer 'E3 ubiquitin-protein ligase CBL-B'
3 non-polymer 'MAGNESIUM ION'
4 non-polymer 'CALCIUM ION'
5 non-polymer '[5-(2-{(2R,5S)-2-[2-(carboxymethoxy)-3-methoxy-5-nitrophenyl]-3,5-dimethyl-4-oxoimidazolidin-1-yl}-2-oxoethyl)-3,6-dimethoxy-9,9-dimethyl-9H-xanthen-4-yl]acetic acid'
6 water water
#
loop_
_entity_poly.entity_id
_entity_poly.type
_entity_poly.pdbx_seq_one_letter_code
_entity_poly.pdbx_strand_id
1 'polypeptide(L)'
;GSPKQAAADRRTVEKTWKLMDKVVRLCQNPKLQLKNSPPYILDILPDTYQHLRLILSRYDDNQKLAQLSENEYFKIYIDS
LMKKSKRAIRLFKEGKERMYEENSQDRRNLTKLSLIFSHMLAEIKAIFPNGQFQGDNFRITKADAAEFWRKFFGDKTIVP
WKVFRQCLHEVHQISSGLEAMALKSTIDLTCNDYISVFEFDIFTRLFQPWGSILRNWNFLAVTHPGYMAFLTYDEVKARL
QKYSTKPGSYIFRLSCTRLGQWAIGYVTGDGNILQTIPHNKPLFQALIDGSREGFYLYPDGRSYNPDLTG
;
A
2 'polypeptide(L)'
;GSPKQAAADRRTVEKTWKLMDKVVRLCQNPKLQLKNSPPYILDILPDTYQHLRLILSKYDDNQKLAQLSENEYFKIYIDS
LMKKSKRAIRLFKEGKERMYEENSQDRRNLTKLSLIFSHMLAEIKAIFPNGQFQGDTFRITKADAAEFWRKFFGDKTIVP
WKVFRQCLHEVHQISSGLEAMALKSTIDLTCNDYISVFEFDIFTRLFQPWGSILRNWNFLAVTHPGYMAFLTYDEVKARL
QKYSTKPGSYIFRLSCTRLGQWAIGYVTGDGNILQTIPHNKPLFQALIDGSREGFYLYPDGRSYNPDLTG
;
B
#
# COMPACT_ATOMS: atom_id res chain seq x y z
N GLN A 5 -2.66 -8.30 30.22
CA GLN A 5 -1.64 -8.20 29.19
C GLN A 5 -0.41 -7.47 29.73
N ALA A 6 0.76 -7.90 29.29
CA ALA A 6 2.00 -7.27 29.71
C ALA A 6 2.19 -5.94 28.99
N ALA A 7 3.00 -5.07 29.60
CA ALA A 7 3.37 -3.83 28.93
C ALA A 7 4.04 -4.14 27.59
N ALA A 8 3.66 -3.39 26.57
CA ALA A 8 4.19 -3.61 25.23
C ALA A 8 5.43 -2.75 25.03
N ASP A 9 6.47 -3.08 25.78
CA ASP A 9 7.75 -2.39 25.64
C ASP A 9 8.56 -3.03 24.50
N ARG A 10 9.74 -2.47 24.26
CA ARG A 10 10.52 -2.92 23.11
C ARG A 10 10.83 -4.40 23.19
N ARG A 11 11.28 -4.89 24.35
CA ARG A 11 11.60 -6.30 24.48
C ARG A 11 10.40 -7.17 24.14
N THR A 12 9.21 -6.79 24.59
CA THR A 12 8.02 -7.59 24.32
C THR A 12 7.66 -7.57 22.84
N VAL A 13 7.82 -6.42 22.19
CA VAL A 13 7.55 -6.36 20.76
C VAL A 13 8.56 -7.21 19.99
N GLU A 14 9.84 -7.17 20.41
CA GLU A 14 10.86 -7.97 19.72
C GLU A 14 10.65 -9.46 19.94
N LYS A 15 10.14 -9.85 21.11
CA LYS A 15 9.79 -11.25 21.32
C LYS A 15 8.74 -11.70 20.31
N THR A 16 7.77 -10.83 20.02
CA THR A 16 6.75 -11.14 19.02
C THR A 16 7.37 -11.27 17.63
N TRP A 17 8.36 -10.43 17.32
CA TRP A 17 9.06 -10.54 16.04
C TRP A 17 9.72 -11.90 15.88
N LYS A 18 10.35 -12.41 16.95
CA LYS A 18 11.04 -13.69 16.86
C LYS A 18 10.06 -14.83 16.65
N LEU A 19 8.89 -14.75 17.26
CA LEU A 19 7.87 -15.76 17.04
C LEU A 19 7.35 -15.70 15.60
N MET A 20 7.13 -14.49 15.09
CA MET A 20 6.70 -14.35 13.70
C MET A 20 7.73 -14.87 12.71
N ASP A 21 9.02 -14.72 13.03
CA ASP A 21 10.07 -15.26 12.16
C ASP A 21 9.97 -16.77 12.10
N LYS A 22 9.70 -17.42 13.23
CA LYS A 22 9.57 -18.88 13.23
C LYS A 22 8.36 -19.32 12.40
N VAL A 23 7.25 -18.57 12.47
CA VAL A 23 6.10 -18.92 11.64
C VAL A 23 6.46 -18.79 10.16
N VAL A 24 7.17 -17.72 9.79
CA VAL A 24 7.62 -17.57 8.41
C VAL A 24 8.44 -18.78 7.98
N ARG A 25 9.43 -19.16 8.79
CA ARG A 25 10.29 -20.28 8.40
C ARG A 25 9.49 -21.56 8.27
N LEU A 26 8.55 -21.81 9.19
CA LEU A 26 7.69 -22.97 9.08
C LEU A 26 6.91 -22.96 7.78
N CYS A 27 6.43 -21.79 7.36
CA CYS A 27 5.63 -21.67 6.16
C CYS A 27 6.45 -21.63 4.88
N GLN A 28 7.78 -21.59 4.96
CA GLN A 28 8.63 -21.70 3.79
C GLN A 28 8.99 -23.14 3.46
N ASN A 29 8.49 -24.11 4.22
CA ASN A 29 8.73 -25.52 3.94
C ASN A 29 8.32 -25.83 2.50
N PRO A 30 9.24 -26.35 1.67
CA PRO A 30 8.88 -26.64 0.28
C PRO A 30 7.77 -27.67 0.14
N LYS A 31 7.56 -28.54 1.14
CA LYS A 31 6.46 -29.49 1.08
C LYS A 31 5.09 -28.83 1.20
N LEU A 32 5.03 -27.57 1.64
CA LEU A 32 3.74 -26.90 1.83
C LEU A 32 3.12 -26.46 0.51
N GLN A 33 3.93 -26.05 -0.47
CA GLN A 33 3.42 -25.60 -1.76
C GLN A 33 2.39 -24.48 -1.59
N LEU A 34 2.75 -23.51 -0.75
CA LEU A 34 1.85 -22.41 -0.45
C LEU A 34 1.71 -21.48 -1.65
N LYS A 35 0.47 -21.16 -2.03
CA LYS A 35 0.21 -20.31 -3.18
C LYS A 35 0.25 -18.83 -2.79
N ASN A 36 0.85 -18.02 -3.66
CA ASN A 36 0.91 -16.56 -3.44
C ASN A 36 -0.45 -15.98 -3.81
N SER A 37 -1.36 -15.96 -2.84
CA SER A 37 -2.73 -15.56 -3.00
C SER A 37 -3.22 -15.06 -1.65
N PRO A 38 -3.95 -13.94 -1.61
CA PRO A 38 -4.40 -13.38 -0.34
C PRO A 38 -5.39 -14.29 0.36
N PRO A 39 -5.22 -14.52 1.66
CA PRO A 39 -4.15 -13.97 2.51
C PRO A 39 -2.87 -14.81 2.38
N TYR A 40 -1.76 -14.18 2.08
CA TYR A 40 -0.48 -14.86 1.88
C TYR A 40 0.40 -14.59 3.10
N ILE A 41 0.51 -15.59 3.98
CA ILE A 41 1.16 -15.36 5.27
C ILE A 41 2.61 -14.90 5.07
N LEU A 42 3.26 -15.37 4.00
CA LEU A 42 4.66 -14.99 3.74
C LEU A 42 4.82 -13.52 3.36
N ASP A 43 3.76 -12.84 2.94
CA ASP A 43 3.80 -11.39 2.82
C ASP A 43 3.24 -10.67 4.04
N ILE A 44 2.23 -11.23 4.69
CA ILE A 44 1.56 -10.53 5.78
C ILE A 44 2.49 -10.36 6.98
N LEU A 45 3.20 -11.43 7.37
CA LEU A 45 4.01 -11.31 8.59
C LEU A 45 5.18 -10.36 8.41
N PRO A 46 5.97 -10.43 7.32
CA PRO A 46 6.97 -9.37 7.10
C PRO A 46 6.37 -7.97 7.06
N ASP A 47 5.21 -7.80 6.42
CA ASP A 47 4.56 -6.49 6.44
C ASP A 47 4.20 -6.06 7.86
N THR A 48 3.79 -7.00 8.70
CA THR A 48 3.49 -6.66 10.08
C THR A 48 4.75 -6.22 10.82
N TYR A 49 5.82 -7.01 10.70
CA TYR A 49 7.10 -6.60 11.24
C TYR A 49 7.45 -5.18 10.81
N GLN A 50 7.29 -4.87 9.51
CA GLN A 50 7.66 -3.55 9.03
C GLN A 50 6.82 -2.46 9.68
N HIS A 51 5.52 -2.68 9.82
CA HIS A 51 4.70 -1.64 10.41
C HIS A 51 4.99 -1.51 11.89
N LEU A 52 5.28 -2.61 12.59
CA LEU A 52 5.66 -2.52 14.00
C LEU A 52 6.98 -1.77 14.16
N ARG A 53 7.95 -2.00 13.28
CA ARG A 53 9.20 -1.25 13.34
C ARG A 53 8.96 0.23 13.12
N LEU A 54 8.10 0.57 12.15
CA LEU A 54 7.70 1.96 11.96
C LEU A 54 7.13 2.55 13.26
N ILE A 55 6.18 1.87 13.90
CA ILE A 55 5.61 2.37 15.14
C ILE A 55 6.71 2.65 16.16
N LEU A 56 7.59 1.68 16.38
CA LEU A 56 8.62 1.89 17.39
C LEU A 56 9.48 3.10 17.06
N SER A 57 9.73 3.35 15.76
CA SER A 57 10.54 4.50 15.36
C SER A 57 9.87 5.83 15.68
N ARG A 58 8.54 5.87 15.78
CA ARG A 58 7.81 7.07 16.14
C ARG A 58 7.80 7.32 17.65
N TYR A 59 8.07 6.30 18.45
CA TYR A 59 8.08 6.42 19.91
C TYR A 59 9.50 6.21 20.42
N ASP A 60 10.36 7.17 20.08
CA ASP A 60 11.81 6.98 20.10
C ASP A 60 12.50 7.64 21.31
N ASP A 61 11.80 7.83 22.41
CA ASP A 61 12.46 8.20 23.66
C ASP A 61 11.70 7.56 24.80
N ASN A 62 12.28 7.65 26.00
CA ASN A 62 11.75 6.91 27.13
C ASN A 62 10.29 7.27 27.40
N GLN A 63 9.97 8.57 27.40
CA GLN A 63 8.60 8.98 27.73
C GLN A 63 7.63 8.54 26.64
N LYS A 64 8.04 8.63 25.38
CA LYS A 64 7.19 8.16 24.30
C LYS A 64 7.01 6.65 24.36
N LEU A 65 8.09 5.90 24.58
CA LEU A 65 7.97 4.45 24.71
C LEU A 65 7.11 4.06 25.91
N ALA A 66 7.18 4.82 27.00
CA ALA A 66 6.29 4.58 28.13
C ALA A 66 4.83 4.68 27.70
N GLN A 67 4.46 5.78 27.03
CA GLN A 67 3.10 5.91 26.55
C GLN A 67 2.70 4.73 25.66
N LEU A 68 3.57 4.38 24.72
CA LEU A 68 3.25 3.29 23.80
C LEU A 68 3.05 1.97 24.54
N SER A 69 3.96 1.65 25.48
CA SER A 69 3.91 0.35 26.14
C SER A 69 2.68 0.16 27.00
N GLU A 70 2.04 1.25 27.42
CA GLU A 70 0.86 1.18 28.26
C GLU A 70 -0.41 1.56 27.53
N ASN A 71 -0.33 1.83 26.22
CA ASN A 71 -1.52 2.03 25.42
C ASN A 71 -2.36 0.75 25.40
N GLU A 72 -3.64 0.87 25.77
CA GLU A 72 -4.46 -0.33 25.96
C GLU A 72 -4.58 -1.13 24.67
N TYR A 73 -4.86 -0.44 23.56
CA TYR A 73 -4.96 -1.16 22.29
C TYR A 73 -3.65 -1.88 21.97
N PHE A 74 -2.53 -1.19 22.14
CA PHE A 74 -1.25 -1.76 21.69
C PHE A 74 -0.86 -2.95 22.57
N LYS A 75 -1.11 -2.86 23.87
CA LYS A 75 -0.87 -3.99 24.75
C LYS A 75 -1.71 -5.20 24.33
N ILE A 76 -2.97 -4.98 24.00
CA ILE A 76 -3.83 -6.08 23.56
C ILE A 76 -3.38 -6.59 22.20
N TYR A 77 -2.97 -5.67 21.31
CA TYR A 77 -2.55 -6.09 19.98
C TYR A 77 -1.33 -7.00 20.04
N ILE A 78 -0.30 -6.58 20.77
CA ILE A 78 0.92 -7.36 20.85
C ILE A 78 0.68 -8.70 21.55
N ASP A 79 -0.13 -8.72 22.62
CA ASP A 79 -0.45 -9.98 23.28
C ASP A 79 -1.18 -10.93 22.32
N SER A 80 -2.10 -10.40 21.51
CA SER A 80 -2.85 -11.23 20.57
C SER A 80 -2.01 -11.66 19.39
N LEU A 81 -1.07 -10.81 18.93
CA LEU A 81 -0.16 -11.22 17.86
C LEU A 81 0.76 -12.32 18.35
N MET A 82 1.22 -12.23 19.60
CA MET A 82 2.04 -13.29 20.17
C MET A 82 1.26 -14.59 20.32
N LYS A 83 0.00 -14.51 20.76
CA LYS A 83 -0.76 -15.74 20.96
C LYS A 83 -1.06 -16.43 19.63
N LYS A 84 -1.44 -15.66 18.60
CA LYS A 84 -1.72 -16.27 17.31
C LYS A 84 -0.45 -16.87 16.70
N SER A 85 0.70 -16.20 16.89
CA SER A 85 1.96 -16.77 16.42
C SER A 85 2.29 -18.08 17.11
N LYS A 86 2.09 -18.15 18.43
CA LYS A 86 2.34 -19.39 19.14
C LYS A 86 1.36 -20.47 18.68
N ARG A 87 0.12 -20.08 18.38
CA ARG A 87 -0.85 -21.03 17.84
C ARG A 87 -0.38 -21.60 16.51
N ALA A 88 0.10 -20.74 15.61
CA ALA A 88 0.63 -21.21 14.33
C ALA A 88 1.76 -22.21 14.54
N ILE A 89 2.71 -21.85 15.40
CA ILE A 89 3.81 -22.76 15.71
C ILE A 89 3.28 -24.09 16.24
N ARG A 90 2.34 -24.03 17.19
CA ARG A 90 1.79 -25.25 17.75
C ARG A 90 1.07 -26.06 16.67
N LEU A 91 0.40 -25.38 15.74
CA LEU A 91 -0.28 -26.07 14.65
C LEU A 91 0.69 -26.97 13.88
N PHE A 92 1.87 -26.45 13.54
CA PHE A 92 2.85 -27.25 12.80
C PHE A 92 3.39 -28.39 13.66
N LYS A 93 3.67 -28.10 14.92
CA LYS A 93 4.28 -29.10 15.80
C LYS A 93 3.34 -30.28 16.02
N GLU A 94 2.03 -30.03 16.07
CA GLU A 94 1.06 -31.09 16.28
C GLU A 94 0.55 -31.65 14.96
N GLY A 95 0.57 -30.86 13.89
CA GLY A 95 0.04 -31.35 12.63
C GLY A 95 0.99 -32.32 11.93
N LYS A 96 2.29 -32.08 12.04
CA LYS A 96 3.31 -32.96 11.45
C LYS A 96 3.03 -33.07 9.95
N GLU A 97 3.00 -34.27 9.37
CA GLU A 97 2.84 -34.43 7.93
C GLU A 97 1.47 -33.98 7.44
N ARG A 98 0.47 -33.95 8.31
CA ARG A 98 -0.85 -33.47 7.89
C ARG A 98 -0.81 -32.02 7.43
N MET A 99 0.21 -31.25 7.80
CA MET A 99 0.31 -29.87 7.33
C MET A 99 0.53 -29.79 5.82
N TYR A 100 1.00 -30.86 5.20
CA TYR A 100 1.29 -30.88 3.78
C TYR A 100 0.20 -31.53 2.96
N GLU A 101 -0.88 -32.00 3.60
CA GLU A 101 -2.08 -32.43 2.91
C GLU A 101 -2.96 -31.21 2.65
N GLU A 102 -3.20 -30.90 1.37
CA GLU A 102 -3.79 -29.63 1.01
C GLU A 102 -5.17 -29.43 1.64
N ASN A 103 -5.96 -30.50 1.76
CA ASN A 103 -7.32 -30.38 2.26
C ASN A 103 -7.49 -30.98 3.65
N SER A 104 -6.41 -31.11 4.42
CA SER A 104 -6.51 -31.55 5.80
C SER A 104 -7.08 -30.44 6.67
N GLN A 105 -7.66 -30.84 7.81
CA GLN A 105 -8.16 -29.84 8.75
C GLN A 105 -7.02 -28.98 9.29
N ASP A 106 -5.81 -29.53 9.33
CA ASP A 106 -4.65 -28.78 9.81
C ASP A 106 -4.32 -27.63 8.86
N ARG A 107 -4.29 -27.91 7.56
CA ARG A 107 -4.06 -26.87 6.57
C ARG A 107 -5.21 -25.86 6.54
N ARG A 108 -6.44 -26.33 6.70
CA ARG A 108 -7.55 -25.38 6.80
C ARG A 108 -7.36 -24.44 7.97
N ASN A 109 -6.88 -24.96 9.11
CA ASN A 109 -6.63 -24.09 10.25
C ASN A 109 -5.48 -23.12 9.99
N LEU A 110 -4.49 -23.53 9.20
CA LEU A 110 -3.44 -22.58 8.81
C LEU A 110 -4.05 -21.43 8.01
N THR A 111 -4.94 -21.75 7.07
CA THR A 111 -5.61 -20.73 6.27
C THR A 111 -6.41 -19.78 7.15
N LYS A 112 -7.10 -20.31 8.17
CA LYS A 112 -7.80 -19.45 9.11
C LYS A 112 -6.82 -18.49 9.78
N LEU A 113 -5.68 -19.00 10.23
CA LEU A 113 -4.72 -18.13 10.91
C LEU A 113 -4.15 -17.09 9.94
N SER A 114 -3.94 -17.46 8.68
CA SER A 114 -3.43 -16.50 7.71
C SER A 114 -4.43 -15.36 7.51
N LEU A 115 -5.72 -15.70 7.50
CA LEU A 115 -6.76 -14.67 7.41
C LEU A 115 -6.73 -13.77 8.65
N ILE A 116 -6.63 -14.35 9.84
CA ILE A 116 -6.55 -13.56 11.06
C ILE A 116 -5.37 -12.61 11.01
N PHE A 117 -4.20 -13.08 10.57
CA PHE A 117 -3.04 -12.20 10.50
C PHE A 117 -3.28 -11.06 9.51
N SER A 118 -3.88 -11.36 8.36
CA SER A 118 -4.24 -10.33 7.40
C SER A 118 -5.12 -9.26 8.04
N HIS A 119 -6.16 -9.68 8.78
CA HIS A 119 -7.03 -8.72 9.44
C HIS A 119 -6.27 -7.91 10.50
N MET A 120 -5.34 -8.56 11.23
CA MET A 120 -4.57 -7.86 12.25
C MET A 120 -3.69 -6.79 11.63
N LEU A 121 -3.14 -7.07 10.45
CA LEU A 121 -2.32 -6.09 9.76
C LEU A 121 -3.16 -4.89 9.32
N ALA A 122 -4.32 -5.15 8.74
CA ALA A 122 -5.23 -4.06 8.39
C ALA A 122 -5.60 -3.23 9.61
N GLU A 123 -5.83 -3.90 10.74
CA GLU A 123 -6.24 -3.18 11.95
C GLU A 123 -5.13 -2.25 12.45
N ILE A 124 -3.89 -2.75 12.52
CA ILE A 124 -2.83 -1.95 13.10
C ILE A 124 -2.49 -0.79 12.16
N LYS A 125 -2.63 -1.00 10.86
CA LYS A 125 -2.42 0.10 9.92
C LYS A 125 -3.53 1.14 10.02
N ALA A 126 -4.73 0.72 10.41
CA ALA A 126 -5.83 1.66 10.59
C ALA A 126 -5.73 2.41 11.92
N ILE A 127 -5.16 1.79 12.95
CA ILE A 127 -5.13 2.41 14.26
C ILE A 127 -3.85 3.20 14.47
N PHE A 128 -2.73 2.74 13.92
CA PHE A 128 -1.45 3.46 13.93
C PHE A 128 -1.08 3.82 12.49
N PRO A 129 -1.88 4.64 11.81
CA PRO A 129 -1.50 5.05 10.46
C PRO A 129 -0.17 5.81 10.52
N ASN A 130 0.72 5.47 9.60
CA ASN A 130 2.08 6.03 9.58
C ASN A 130 2.79 5.85 10.92
N GLY A 131 2.40 4.86 11.73
CA GLY A 131 3.11 4.53 12.94
C GLY A 131 2.72 5.32 14.18
N GLN A 132 1.77 6.23 14.07
CA GLN A 132 1.34 7.08 15.17
C GLN A 132 -0.04 6.64 15.63
N PHE A 133 -0.22 6.50 16.95
CA PHE A 133 -1.53 6.08 17.45
C PHE A 133 -2.57 7.14 17.14
N GLN A 134 -3.66 6.72 16.48
CA GLN A 134 -4.77 7.59 16.14
C GLN A 134 -6.11 6.95 16.49
N GLY A 135 -6.10 5.95 17.37
CA GLY A 135 -7.32 5.19 17.64
C GLY A 135 -8.41 6.03 18.25
N ASP A 136 -8.05 6.96 19.14
CA ASP A 136 -9.04 7.84 19.74
C ASP A 136 -9.59 8.86 18.74
N ASN A 137 -8.96 9.02 17.57
CA ASN A 137 -9.44 9.89 16.52
C ASN A 137 -10.04 9.12 15.34
N PHE A 138 -10.14 7.81 15.44
CA PHE A 138 -10.63 6.99 14.34
C PHE A 138 -12.03 7.44 13.95
N ARG A 139 -12.26 7.60 12.64
CA ARG A 139 -13.55 8.05 12.10
C ARG A 139 -14.37 6.85 11.64
N ILE A 140 -15.47 6.57 12.35
CA ILE A 140 -16.41 5.54 11.95
C ILE A 140 -17.24 6.04 10.77
N THR A 141 -17.39 5.20 9.74
CA THR A 141 -17.97 5.67 8.48
C THR A 141 -19.45 6.03 8.63
N LYS A 142 -20.24 5.15 9.23
CA LYS A 142 -21.68 5.38 9.35
C LYS A 142 -21.97 6.17 10.62
N ALA A 143 -22.60 7.34 10.44
CA ALA A 143 -22.80 8.28 11.56
C ALA A 143 -23.65 7.68 12.66
N ASP A 144 -24.71 6.95 12.30
CA ASP A 144 -25.57 6.40 13.35
C ASP A 144 -24.85 5.30 14.12
N ALA A 145 -24.06 4.47 13.43
CA ALA A 145 -23.20 3.50 14.12
C ALA A 145 -22.16 4.22 14.99
N ALA A 146 -21.57 5.28 14.45
CA ALA A 146 -20.60 6.06 15.21
C ALA A 146 -21.21 6.57 16.52
N GLU A 147 -22.48 6.96 16.48
CA GLU A 147 -23.11 7.51 17.68
C GLU A 147 -23.27 6.46 18.76
N PHE A 148 -23.58 5.22 18.36
CA PHE A 148 -23.60 4.11 19.32
C PHE A 148 -22.25 3.94 19.99
N TRP A 149 -21.19 3.85 19.19
CA TRP A 149 -19.87 3.62 19.75
C TRP A 149 -19.50 4.75 20.72
N ARG A 150 -19.70 6.01 20.30
CA ARG A 150 -19.33 7.13 21.15
C ARG A 150 -20.17 7.18 22.42
N LYS A 151 -21.47 6.90 22.30
CA LYS A 151 -22.35 6.92 23.47
C LYS A 151 -21.90 5.93 24.53
N PHE A 152 -21.55 4.71 24.14
CA PHE A 152 -21.23 3.66 25.10
C PHE A 152 -19.75 3.54 25.41
N PHE A 153 -18.88 3.97 24.51
CA PHE A 153 -17.44 3.75 24.67
C PHE A 153 -16.61 5.01 24.51
N GLY A 154 -17.20 6.13 24.14
CA GLY A 154 -16.42 7.36 24.03
C GLY A 154 -15.32 7.21 23.00
N ASP A 155 -14.11 7.64 23.37
CA ASP A 155 -12.95 7.58 22.50
C ASP A 155 -12.17 6.28 22.62
N LYS A 156 -12.71 5.26 23.29
CA LYS A 156 -12.02 3.98 23.36
C LYS A 156 -11.74 3.42 21.98
N THR A 157 -10.56 2.83 21.82
CA THR A 157 -10.21 2.12 20.61
C THR A 157 -10.61 0.65 20.64
N ILE A 158 -10.76 0.07 21.82
CA ILE A 158 -10.98 -1.37 21.91
C ILE A 158 -11.78 -1.68 23.16
N VAL A 159 -12.64 -2.70 23.06
CA VAL A 159 -13.56 -3.10 24.12
C VAL A 159 -13.65 -4.62 24.18
N PRO A 160 -13.69 -5.21 25.37
CA PRO A 160 -13.89 -6.67 25.48
C PRO A 160 -15.22 -7.08 24.86
N TRP A 161 -15.22 -8.27 24.26
CA TRP A 161 -16.44 -8.78 23.62
C TRP A 161 -17.62 -8.75 24.58
N LYS A 162 -17.41 -9.17 25.83
CA LYS A 162 -18.50 -9.23 26.80
C LYS A 162 -19.13 -7.85 26.99
N VAL A 163 -18.30 -6.81 27.12
CA VAL A 163 -18.79 -5.46 27.28
C VAL A 163 -19.50 -5.00 26.00
N PHE A 164 -18.87 -5.25 24.85
CA PHE A 164 -19.48 -4.87 23.59
C PHE A 164 -20.87 -5.49 23.45
N ARG A 165 -20.98 -6.78 23.74
CA ARG A 165 -22.26 -7.46 23.56
C ARG A 165 -23.32 -6.88 24.50
N GLN A 166 -22.96 -6.63 25.75
CA GLN A 166 -23.92 -6.08 26.71
C GLN A 166 -24.44 -4.73 26.24
N CYS A 167 -23.58 -3.88 25.69
CA CYS A 167 -24.05 -2.60 25.18
C CYS A 167 -24.90 -2.78 23.92
N LEU A 168 -24.43 -3.61 22.99
CA LEU A 168 -25.21 -3.85 21.78
C LEU A 168 -26.59 -4.38 22.14
N HIS A 169 -26.67 -5.23 23.17
CA HIS A 169 -27.94 -5.80 23.59
C HIS A 169 -28.96 -4.73 23.95
N GLU A 170 -28.50 -3.58 24.45
CA GLU A 170 -29.41 -2.50 24.79
C GLU A 170 -30.09 -1.91 23.56
N VAL A 171 -29.49 -2.05 22.38
CA VAL A 171 -30.05 -1.53 21.14
C VAL A 171 -30.62 -2.65 20.27
N HIS A 172 -29.94 -3.79 20.20
CA HIS A 172 -30.42 -4.93 19.43
C HIS A 172 -30.21 -6.19 20.27
N GLN A 173 -31.31 -6.78 20.74
CA GLN A 173 -31.20 -7.89 21.68
C GLN A 173 -30.71 -9.17 21.00
N ILE A 174 -29.97 -9.98 21.76
CA ILE A 174 -29.45 -11.27 21.31
C ILE A 174 -29.69 -12.28 22.43
N SER A 175 -30.58 -13.24 22.20
CA SER A 175 -30.88 -14.26 23.20
C SER A 175 -30.17 -15.59 22.94
N SER A 176 -29.87 -15.91 21.69
CA SER A 176 -29.28 -17.21 21.34
C SER A 176 -27.77 -17.17 21.49
N GLY A 177 -27.23 -18.13 22.26
CA GLY A 177 -25.79 -18.30 22.32
C GLY A 177 -25.20 -18.61 20.96
N LEU A 178 -25.88 -19.44 20.18
CA LEU A 178 -25.45 -19.70 18.81
C LEU A 178 -25.41 -18.43 17.99
N GLU A 179 -26.43 -17.58 18.13
CA GLU A 179 -26.42 -16.30 17.41
C GLU A 179 -25.25 -15.43 17.88
N ALA A 180 -25.06 -15.33 19.20
CA ALA A 180 -24.00 -14.49 19.74
C ALA A 180 -22.63 -14.93 19.25
N MET A 181 -22.38 -16.25 19.21
CA MET A 181 -21.09 -16.74 18.77
C MET A 181 -20.91 -16.50 17.27
N ALA A 182 -21.98 -16.66 16.49
CA ALA A 182 -21.92 -16.33 15.07
C ALA A 182 -21.63 -14.85 14.85
N LEU A 183 -22.27 -13.98 15.64
CA LEU A 183 -22.03 -12.55 15.51
C LEU A 183 -20.59 -12.21 15.86
N LYS A 184 -20.08 -12.81 16.94
CA LYS A 184 -18.68 -12.60 17.32
C LYS A 184 -17.72 -13.00 16.21
N SER A 185 -17.98 -14.13 15.54
CA SER A 185 -17.09 -14.56 14.47
C SER A 185 -17.19 -13.62 13.27
N THR A 186 -18.33 -12.94 13.09
CA THR A 186 -18.40 -11.94 12.02
C THR A 186 -17.65 -10.66 12.39
N ILE A 187 -17.83 -10.17 13.61
CA ILE A 187 -17.31 -8.86 13.99
C ILE A 187 -15.83 -8.94 14.38
N ASP A 188 -15.49 -9.93 15.19
CA ASP A 188 -14.15 -10.06 15.78
C ASP A 188 -13.22 -10.73 14.76
N LEU A 189 -12.89 -9.96 13.72
CA LEU A 189 -12.02 -10.46 12.65
C LEU A 189 -10.71 -11.03 13.19
N THR A 190 -10.12 -10.37 14.19
CA THR A 190 -8.83 -10.80 14.71
C THR A 190 -8.93 -11.96 15.70
N CYS A 191 -10.14 -12.43 15.99
CA CYS A 191 -10.36 -13.58 16.86
CA CYS A 191 -10.36 -13.59 16.86
C CYS A 191 -9.58 -13.48 18.17
N ASN A 192 -9.68 -12.31 18.83
CA ASN A 192 -8.98 -12.15 20.09
C ASN A 192 -9.91 -11.76 21.24
N ASP A 193 -11.23 -11.92 21.06
CA ASP A 193 -12.21 -11.65 22.10
C ASP A 193 -12.28 -10.17 22.49
N TYR A 194 -11.77 -9.29 21.64
CA TYR A 194 -11.91 -7.85 21.80
C TYR A 194 -12.44 -7.27 20.50
N ILE A 195 -13.30 -6.25 20.61
CA ILE A 195 -13.82 -5.56 19.45
C ILE A 195 -13.11 -4.21 19.37
N SER A 196 -12.31 -4.04 18.32
CA SER A 196 -11.71 -2.73 18.07
C SER A 196 -12.69 -1.83 17.33
N VAL A 197 -12.44 -0.51 17.41
CA VAL A 197 -13.27 0.44 16.69
C VAL A 197 -13.15 0.21 15.19
N PHE A 198 -12.00 -0.28 14.74
CA PHE A 198 -11.82 -0.68 13.34
C PHE A 198 -12.72 -1.85 12.96
N GLU A 199 -12.75 -2.90 13.79
CA GLU A 199 -13.63 -4.03 13.54
C GLU A 199 -15.10 -3.59 13.52
N PHE A 200 -15.45 -2.63 14.39
CA PHE A 200 -16.83 -2.12 14.43
C PHE A 200 -17.17 -1.36 13.17
N ASP A 201 -16.22 -0.60 12.63
CA ASP A 201 -16.45 0.15 11.40
C ASP A 201 -16.67 -0.79 10.23
N ILE A 202 -15.89 -1.88 10.14
CA ILE A 202 -16.04 -2.83 9.04
CA ILE A 202 -16.04 -2.83 9.04
C ILE A 202 -17.41 -3.50 9.11
N PHE A 203 -17.79 -3.94 10.31
CA PHE A 203 -19.07 -4.61 10.50
C PHE A 203 -20.23 -3.70 10.13
N THR A 204 -20.19 -2.45 10.59
CA THR A 204 -21.33 -1.56 10.38
C THR A 204 -21.40 -1.03 8.95
N ARG A 205 -20.26 -0.92 8.26
CA ARG A 205 -20.29 -0.67 6.82
C ARG A 205 -20.96 -1.83 6.07
N LEU A 206 -20.54 -3.07 6.36
CA LEU A 206 -21.05 -4.21 5.59
C LEU A 206 -22.55 -4.41 5.79
N PHE A 207 -23.04 -4.20 7.01
CA PHE A 207 -24.39 -4.66 7.35
C PHE A 207 -25.35 -3.50 7.64
N GLN A 208 -25.00 -2.30 7.23
CA GLN A 208 -25.85 -1.10 7.26
C GLN A 208 -27.18 -1.39 6.56
N PRO A 209 -28.23 -0.67 6.91
CA PRO A 209 -28.26 0.43 7.89
C PRO A 209 -28.22 -0.04 9.34
N TRP A 210 -27.70 0.84 10.20
CA TRP A 210 -27.52 0.50 11.61
C TRP A 210 -28.81 0.15 12.31
N GLY A 211 -29.91 0.85 11.96
CA GLY A 211 -31.16 0.63 12.66
C GLY A 211 -31.69 -0.78 12.57
N SER A 212 -31.25 -1.56 11.59
CA SER A 212 -31.72 -2.93 11.40
C SER A 212 -30.55 -3.91 11.28
N ILE A 213 -29.42 -3.59 11.92
CA ILE A 213 -28.16 -4.23 11.57
C ILE A 213 -28.17 -5.72 11.87
N LEU A 214 -28.79 -6.14 12.99
CA LEU A 214 -28.84 -7.57 13.28
C LEU A 214 -29.69 -8.31 12.25
N ARG A 215 -30.80 -7.70 11.82
CA ARG A 215 -31.61 -8.30 10.77
C ARG A 215 -30.82 -8.40 9.48
N ASN A 216 -30.12 -7.33 9.10
CA ASN A 216 -29.32 -7.37 7.88
C ASN A 216 -28.23 -8.42 7.98
N TRP A 217 -27.56 -8.51 9.14
CA TRP A 217 -26.51 -9.50 9.29
C TRP A 217 -27.08 -10.93 9.20
N ASN A 218 -28.21 -11.18 9.86
CA ASN A 218 -28.83 -12.50 9.76
C ASN A 218 -29.21 -12.83 8.33
N PHE A 219 -29.80 -11.89 7.61
CA PHE A 219 -30.30 -12.16 6.26
C PHE A 219 -29.15 -12.44 5.29
N LEU A 220 -28.01 -11.78 5.46
CA LEU A 220 -26.90 -11.87 4.52
C LEU A 220 -25.90 -12.93 4.92
N ALA A 221 -25.53 -13.00 6.20
CA ALA A 221 -24.37 -13.78 6.62
C ALA A 221 -24.74 -15.02 7.41
N VAL A 222 -26.01 -15.22 7.73
CA VAL A 222 -26.45 -16.37 8.50
C VAL A 222 -27.31 -17.31 7.65
N THR A 223 -28.37 -16.79 7.04
CA THR A 223 -29.39 -17.63 6.43
C THR A 223 -29.43 -17.51 4.91
N HIS A 224 -28.37 -16.99 4.28
CA HIS A 224 -28.35 -16.79 2.84
C HIS A 224 -27.46 -17.84 2.20
N PRO A 225 -27.98 -18.65 1.26
CA PRO A 225 -27.10 -19.61 0.56
C PRO A 225 -26.03 -18.92 -0.29
N GLY A 226 -26.21 -17.65 -0.64
CA GLY A 226 -25.26 -16.99 -1.51
C GLY A 226 -23.99 -16.56 -0.83
N TYR A 227 -23.97 -16.51 0.50
CA TYR A 227 -22.86 -15.90 1.22
C TYR A 227 -21.66 -16.84 1.30
N MET A 228 -20.49 -16.37 0.85
CA MET A 228 -19.29 -17.19 0.79
C MET A 228 -18.15 -16.64 1.65
N ALA A 229 -18.40 -15.64 2.48
CA ALA A 229 -17.36 -15.09 3.40
C ALA A 229 -16.19 -14.58 2.55
N PHE A 230 -14.94 -14.84 2.94
CA PHE A 230 -13.79 -14.25 2.28
C PHE A 230 -13.34 -15.13 1.12
N LEU A 231 -13.33 -14.56 -0.09
CA LEU A 231 -12.87 -15.21 -1.31
C LEU A 231 -12.12 -14.18 -2.16
N THR A 232 -11.14 -14.67 -2.91
CA THR A 232 -10.47 -13.83 -3.90
C THR A 232 -11.27 -13.79 -5.19
N TYR A 233 -10.96 -12.80 -6.03
CA TYR A 233 -11.54 -12.75 -7.38
C TYR A 233 -11.37 -14.07 -8.11
N ASP A 234 -10.18 -14.68 -8.04
CA ASP A 234 -9.94 -15.93 -8.74
C ASP A 234 -10.76 -17.06 -8.16
N GLU A 235 -10.93 -17.09 -6.83
CA GLU A 235 -11.72 -18.15 -6.21
C GLU A 235 -13.20 -18.03 -6.55
N VAL A 236 -13.71 -16.80 -6.72
CA VAL A 236 -15.10 -16.64 -7.14
C VAL A 236 -15.30 -17.22 -8.53
N LYS A 237 -14.44 -16.84 -9.47
CA LYS A 237 -14.54 -17.36 -10.83
C LYS A 237 -14.47 -18.89 -10.83
N ALA A 238 -13.60 -19.46 -10.01
CA ALA A 238 -13.43 -20.92 -10.00
C ALA A 238 -14.67 -21.61 -9.44
N ARG A 239 -15.26 -21.06 -8.37
CA ARG A 239 -16.43 -21.70 -7.79
C ARG A 239 -17.64 -21.60 -8.70
N LEU A 240 -17.75 -20.51 -9.47
CA LEU A 240 -18.93 -20.34 -10.30
C LEU A 240 -18.82 -21.09 -11.62
N GLN A 241 -17.64 -21.65 -11.94
CA GLN A 241 -17.49 -22.41 -13.18
C GLN A 241 -18.48 -23.57 -13.23
N LYS A 242 -18.68 -24.27 -12.11
CA LYS A 242 -19.60 -25.40 -12.12
C LYS A 242 -21.04 -24.99 -12.34
N TYR A 243 -21.37 -23.71 -12.22
CA TYR A 243 -22.73 -23.22 -12.47
C TYR A 243 -22.84 -22.54 -13.83
N SER A 244 -21.83 -22.63 -14.68
CA SER A 244 -21.82 -21.85 -15.91
C SER A 244 -22.96 -22.21 -16.85
N THR A 245 -23.58 -23.40 -16.69
CA THR A 245 -24.73 -23.77 -17.49
C THR A 245 -26.05 -23.40 -16.82
N LYS A 246 -26.01 -22.69 -15.69
CA LYS A 246 -27.22 -22.25 -14.99
C LYS A 246 -27.14 -20.73 -14.85
N PRO A 247 -27.50 -19.98 -15.89
CA PRO A 247 -27.47 -18.52 -15.77
C PRO A 247 -28.37 -18.05 -14.64
N GLY A 248 -27.94 -16.96 -14.01
CA GLY A 248 -28.60 -16.46 -12.82
C GLY A 248 -28.03 -16.98 -11.51
N SER A 249 -27.14 -17.96 -11.56
CA SER A 249 -26.42 -18.40 -10.38
C SER A 249 -25.47 -17.32 -9.91
N TYR A 250 -25.41 -17.10 -8.60
CA TYR A 250 -24.65 -15.98 -8.07
C TYR A 250 -24.21 -16.27 -6.64
N ILE A 251 -23.13 -15.60 -6.24
CA ILE A 251 -22.64 -15.63 -4.87
C ILE A 251 -22.16 -14.23 -4.51
N PHE A 252 -22.03 -13.97 -3.21
CA PHE A 252 -21.43 -12.71 -2.76
C PHE A 252 -20.42 -13.01 -1.68
N ARG A 253 -19.44 -12.13 -1.55
CA ARG A 253 -18.23 -12.48 -0.82
C ARG A 253 -17.57 -11.20 -0.30
N LEU A 254 -16.57 -11.42 0.57
CA LEU A 254 -15.75 -10.37 1.14
C LEU A 254 -14.33 -10.49 0.60
N SER A 255 -13.59 -9.39 0.59
CA SER A 255 -12.21 -9.37 0.13
C SER A 255 -11.30 -9.02 1.31
N CYS A 256 -10.35 -9.90 1.61
CA CYS A 256 -9.45 -9.62 2.71
C CYS A 256 -8.52 -8.45 2.40
N THR A 257 -8.40 -8.09 1.12
CA THR A 257 -7.59 -6.96 0.69
C THR A 257 -8.32 -5.63 0.84
N ARG A 258 -9.66 -5.66 0.81
CA ARG A 258 -10.50 -4.46 0.88
C ARG A 258 -11.63 -4.72 1.87
N LEU A 259 -11.32 -4.60 3.16
CA LEU A 259 -12.29 -4.92 4.18
C LEU A 259 -13.43 -3.91 4.16
N GLY A 260 -14.62 -4.36 4.56
CA GLY A 260 -15.74 -3.46 4.64
C GLY A 260 -16.51 -3.26 3.35
N GLN A 261 -16.19 -4.04 2.31
CA GLN A 261 -16.85 -3.92 1.01
C GLN A 261 -17.24 -5.29 0.48
N TRP A 262 -18.42 -5.34 -0.13
CA TRP A 262 -18.97 -6.55 -0.73
C TRP A 262 -18.62 -6.60 -2.21
N ALA A 263 -18.47 -7.81 -2.72
CA ALA A 263 -18.38 -8.09 -4.15
C ALA A 263 -19.35 -9.22 -4.49
N ILE A 264 -19.83 -9.20 -5.72
CA ILE A 264 -20.79 -10.17 -6.20
C ILE A 264 -20.22 -10.84 -7.45
N GLY A 265 -20.58 -12.10 -7.64
CA GLY A 265 -20.22 -12.85 -8.84
C GLY A 265 -21.43 -13.58 -9.38
N TYR A 266 -21.63 -13.65 -10.69
CA TYR A 266 -22.84 -14.25 -11.22
C TYR A 266 -22.58 -14.78 -12.63
N VAL A 267 -23.48 -15.65 -13.05
CA VAL A 267 -23.43 -16.30 -14.36
C VAL A 267 -24.41 -15.59 -15.28
N THR A 268 -23.91 -15.10 -16.41
CA THR A 268 -24.74 -14.43 -17.39
C THR A 268 -25.52 -15.44 -18.23
N GLY A 269 -26.47 -14.93 -19.01
CA GLY A 269 -27.22 -15.79 -19.90
C GLY A 269 -26.35 -16.51 -20.90
N ASP A 270 -25.24 -15.89 -21.31
CA ASP A 270 -24.31 -16.49 -22.25
C ASP A 270 -23.46 -17.59 -21.63
N GLY A 271 -23.52 -17.76 -20.32
CA GLY A 271 -22.67 -18.71 -19.63
C GLY A 271 -21.38 -18.12 -19.10
N ASN A 272 -21.17 -16.81 -19.23
CA ASN A 272 -19.96 -16.18 -18.73
C ASN A 272 -20.10 -15.85 -17.26
N ILE A 273 -18.97 -15.76 -16.57
CA ILE A 273 -18.93 -15.42 -15.15
C ILE A 273 -18.43 -13.99 -15.02
N LEU A 274 -19.29 -13.12 -14.47
CA LEU A 274 -18.96 -11.72 -14.24
C LEU A 274 -18.96 -11.40 -12.75
N GLN A 275 -18.17 -10.40 -12.38
CA GLN A 275 -18.07 -9.97 -10.99
C GLN A 275 -18.24 -8.46 -10.93
N THR A 276 -18.90 -7.97 -9.89
CA THR A 276 -19.20 -6.55 -9.76
C THR A 276 -19.16 -6.13 -8.29
N ILE A 277 -18.80 -4.88 -8.05
CA ILE A 277 -18.70 -4.28 -6.72
C ILE A 277 -19.88 -3.31 -6.58
N PRO A 278 -20.92 -3.67 -5.82
CA PRO A 278 -22.04 -2.73 -5.67
C PRO A 278 -21.64 -1.49 -4.86
N HIS A 279 -22.24 -0.36 -5.22
CA HIS A 279 -21.84 0.92 -4.66
C HIS A 279 -23.05 1.75 -4.23
N ASN A 280 -22.85 2.50 -3.16
CA ASN A 280 -23.81 3.48 -2.63
C ASN A 280 -25.19 2.86 -2.32
N LYS A 281 -25.26 1.57 -2.07
CA LYS A 281 -26.48 0.95 -1.61
C LYS A 281 -26.12 -0.28 -0.77
N PRO A 282 -26.88 -0.56 0.28
CA PRO A 282 -26.62 -1.78 1.05
C PRO A 282 -26.73 -3.01 0.17
N LEU A 283 -25.92 -4.03 0.51
CA LEU A 283 -25.87 -5.25 -0.30
C LEU A 283 -27.27 -5.83 -0.52
N PHE A 284 -28.07 -5.92 0.55
CA PHE A 284 -29.34 -6.62 0.40
C PHE A 284 -30.27 -5.91 -0.57
N GLN A 285 -30.09 -4.60 -0.73
CA GLN A 285 -30.85 -3.88 -1.75
C GLN A 285 -30.29 -4.15 -3.15
N ALA A 286 -28.96 -4.28 -3.26
CA ALA A 286 -28.35 -4.66 -4.52
C ALA A 286 -28.77 -6.05 -4.97
N LEU A 287 -28.97 -6.97 -4.02
CA LEU A 287 -29.46 -8.30 -4.37
C LEU A 287 -30.92 -8.26 -4.76
N ILE A 288 -31.73 -7.47 -4.06
CA ILE A 288 -33.12 -7.30 -4.44
C ILE A 288 -33.21 -6.78 -5.87
N ASP A 289 -32.46 -5.73 -6.18
CA ASP A 289 -32.51 -5.14 -7.52
C ASP A 289 -31.96 -6.11 -8.57
N GLY A 290 -30.87 -6.81 -8.26
CA GLY A 290 -30.32 -7.75 -9.22
C GLY A 290 -31.21 -8.94 -9.47
N SER A 291 -32.03 -9.32 -8.47
CA SER A 291 -32.97 -10.41 -8.67
C SER A 291 -34.15 -9.97 -9.53
N ARG A 292 -34.70 -8.78 -9.26
CA ARG A 292 -35.82 -8.29 -10.05
C ARG A 292 -35.44 -8.05 -11.51
N GLU A 293 -34.16 -7.84 -11.79
CA GLU A 293 -33.66 -7.67 -13.15
C GLU A 293 -33.25 -8.99 -13.80
N GLY A 294 -33.39 -10.11 -13.09
CA GLY A 294 -33.11 -11.42 -13.65
C GLY A 294 -31.67 -11.89 -13.57
N PHE A 295 -30.80 -11.14 -12.87
CA PHE A 295 -29.38 -11.49 -12.79
C PHE A 295 -29.05 -12.40 -11.61
N TYR A 296 -29.71 -12.21 -10.46
CA TYR A 296 -29.38 -12.91 -9.23
C TYR A 296 -30.55 -13.80 -8.86
N LEU A 297 -30.58 -15.01 -9.40
CA LEU A 297 -31.72 -15.90 -9.23
C LEU A 297 -31.44 -17.10 -8.36
N TYR A 298 -30.23 -17.64 -8.38
CA TYR A 298 -29.94 -18.93 -7.76
C TYR A 298 -28.68 -18.78 -6.92
N PRO A 299 -28.82 -18.43 -5.65
CA PRO A 299 -27.63 -18.25 -4.81
C PRO A 299 -26.89 -19.56 -4.66
N ASP A 300 -25.59 -19.54 -4.92
CA ASP A 300 -24.78 -20.75 -4.94
C ASP A 300 -25.41 -21.82 -5.83
N GLY A 301 -26.11 -21.39 -6.88
CA GLY A 301 -26.76 -22.33 -7.78
C GLY A 301 -28.01 -23.00 -7.24
N ARG A 302 -28.46 -22.67 -6.03
CA ARG A 302 -29.58 -23.34 -5.39
C ARG A 302 -30.89 -22.68 -5.79
N SER A 303 -31.98 -23.44 -5.67
CA SER A 303 -33.27 -22.99 -6.16
C SER A 303 -34.05 -22.16 -5.16
N TYR A 304 -33.57 -22.00 -3.93
CA TYR A 304 -34.21 -21.11 -2.96
C TYR A 304 -33.43 -19.82 -2.87
N ASN A 305 -34.08 -18.72 -3.24
CA ASN A 305 -33.49 -17.39 -3.22
C ASN A 305 -34.17 -16.57 -2.13
N PRO A 306 -33.48 -16.28 -1.03
CA PRO A 306 -34.12 -15.56 0.08
C PRO A 306 -34.73 -14.23 -0.35
N ASP A 307 -35.86 -13.90 0.26
CA ASP A 307 -36.52 -12.62 0.05
C ASP A 307 -36.44 -11.79 1.33
N LEU A 308 -36.21 -10.49 1.17
CA LEU A 308 -36.13 -9.59 2.32
C LEU A 308 -37.32 -8.64 2.35
N GLN B 5 21.62 -6.78 -21.77
CA GLN B 5 21.12 -7.31 -20.52
C GLN B 5 20.76 -8.79 -20.65
N ALA B 6 21.06 -9.55 -19.60
CA ALA B 6 20.81 -10.98 -19.59
C ALA B 6 19.31 -11.26 -19.47
N ALA B 7 18.91 -12.44 -19.97
CA ALA B 7 17.54 -12.91 -19.75
C ALA B 7 17.24 -12.92 -18.26
N ALA B 8 16.09 -12.38 -17.89
CA ALA B 8 15.72 -12.25 -16.49
C ALA B 8 14.88 -13.45 -16.06
N ASP B 9 15.56 -14.59 -15.95
CA ASP B 9 14.91 -15.81 -15.52
C ASP B 9 14.96 -15.91 -13.98
N ARG B 10 14.40 -17.01 -13.45
CA ARG B 10 14.23 -17.09 -11.99
C ARG B 10 15.57 -17.04 -11.27
N ARG B 11 16.60 -17.65 -11.84
CA ARG B 11 17.90 -17.63 -11.17
C ARG B 11 18.55 -16.25 -11.22
N THR B 12 18.33 -15.49 -12.29
CA THR B 12 18.84 -14.12 -12.35
C THR B 12 18.12 -13.21 -11.36
N VAL B 13 16.81 -13.38 -11.22
CA VAL B 13 16.08 -12.60 -10.23
C VAL B 13 16.58 -12.91 -8.83
N GLU B 14 16.82 -14.20 -8.55
CA GLU B 14 17.27 -14.59 -7.21
C GLU B 14 18.67 -14.10 -6.91
N LYS B 15 19.53 -14.00 -7.92
CA LYS B 15 20.83 -13.36 -7.72
C LYS B 15 20.66 -11.92 -7.27
N THR B 16 19.70 -11.19 -7.85
CA THR B 16 19.42 -9.83 -7.43
C THR B 16 18.95 -9.79 -5.99
N TRP B 17 18.08 -10.72 -5.60
CA TRP B 17 17.64 -10.79 -4.21
C TRP B 17 18.83 -10.90 -3.26
N LYS B 18 19.80 -11.74 -3.59
CA LYS B 18 20.95 -11.93 -2.72
C LYS B 18 21.73 -10.64 -2.54
N LEU B 19 21.88 -9.85 -3.61
CA LEU B 19 22.59 -8.58 -3.48
C LEU B 19 21.80 -7.59 -2.64
N MET B 20 20.49 -7.53 -2.83
CA MET B 20 19.67 -6.65 -2.01
C MET B 20 19.76 -7.03 -0.54
N ASP B 21 19.77 -8.33 -0.23
CA ASP B 21 19.91 -8.77 1.15
C ASP B 21 21.18 -8.25 1.78
N LYS B 22 22.28 -8.21 1.02
CA LYS B 22 23.53 -7.69 1.55
C LYS B 22 23.44 -6.19 1.79
N VAL B 23 22.80 -5.46 0.89
CA VAL B 23 22.60 -4.03 1.13
C VAL B 23 21.79 -3.83 2.40
N VAL B 24 20.74 -4.62 2.58
CA VAL B 24 19.92 -4.51 3.80
C VAL B 24 20.78 -4.72 5.04
N ARG B 25 21.64 -5.73 5.04
CA ARG B 25 22.47 -5.99 6.21
C ARG B 25 23.45 -4.85 6.46
N LEU B 26 23.97 -4.25 5.39
CA LEU B 26 24.87 -3.11 5.55
C LEU B 26 24.13 -1.91 6.15
N CYS B 27 22.87 -1.72 5.76
CA CYS B 27 22.12 -0.56 6.23
C CYS B 27 21.47 -0.76 7.58
N GLN B 28 21.52 -1.96 8.15
CA GLN B 28 21.05 -2.19 9.51
C GLN B 28 22.11 -1.88 10.55
N ASN B 29 23.25 -1.35 10.14
CA ASN B 29 24.33 -1.03 11.07
C ASN B 29 23.89 0.07 12.02
N PRO B 30 23.80 -0.20 13.33
CA PRO B 30 23.33 0.84 14.26
C PRO B 30 24.15 2.11 14.19
N LYS B 31 25.43 2.03 13.82
CA LYS B 31 26.25 3.23 13.71
C LYS B 31 25.78 4.18 12.63
N LEU B 32 25.01 3.67 11.64
CA LEU B 32 24.45 4.55 10.63
C LEU B 32 23.41 5.49 11.22
N GLN B 33 22.65 5.02 12.21
CA GLN B 33 21.56 5.79 12.80
C GLN B 33 20.58 6.23 11.72
N LEU B 34 20.23 5.28 10.85
CA LEU B 34 19.34 5.56 9.74
C LEU B 34 17.95 5.90 10.26
N LYS B 35 17.38 7.02 9.80
CA LYS B 35 16.05 7.43 10.21
C LYS B 35 15.00 6.67 9.40
N ASN B 36 13.95 6.23 10.09
CA ASN B 36 12.80 5.62 9.44
C ASN B 36 11.94 6.76 8.90
N SER B 37 12.28 7.19 7.68
CA SER B 37 11.68 8.31 6.97
C SER B 37 11.85 8.04 5.50
N PRO B 38 10.86 8.30 4.65
CA PRO B 38 10.99 8.00 3.22
C PRO B 38 12.00 8.93 2.57
N PRO B 39 12.88 8.40 1.70
CA PRO B 39 12.98 6.99 1.28
C PRO B 39 13.75 6.15 2.29
N TYR B 40 13.14 5.11 2.86
CA TYR B 40 13.76 4.30 3.91
C TYR B 40 14.19 2.97 3.29
N ILE B 41 15.49 2.82 3.07
CA ILE B 41 15.97 1.69 2.27
C ILE B 41 15.63 0.36 2.93
N LEU B 42 15.53 0.33 4.27
CA LEU B 42 15.22 -0.91 4.99
C LEU B 42 13.79 -1.37 4.79
N ASP B 43 12.90 -0.48 4.33
CA ASP B 43 11.57 -0.88 3.90
C ASP B 43 11.49 -1.10 2.40
N ILE B 44 12.19 -0.27 1.61
CA ILE B 44 12.05 -0.31 0.15
C ILE B 44 12.58 -1.62 -0.42
N LEU B 45 13.74 -2.09 0.05
CA LEU B 45 14.33 -3.28 -0.55
C LEU B 45 13.54 -4.54 -0.24
N PRO B 46 13.12 -4.80 1.01
CA PRO B 46 12.19 -5.92 1.24
C PRO B 46 10.92 -5.80 0.42
N ASP B 47 10.33 -4.61 0.32
CA ASP B 47 9.14 -4.43 -0.50
C ASP B 47 9.40 -4.79 -1.96
N THR B 48 10.58 -4.45 -2.47
CA THR B 48 10.94 -4.81 -3.83
C THR B 48 11.02 -6.33 -3.99
N TYR B 49 11.72 -6.99 -3.07
CA TYR B 49 11.75 -8.45 -3.07
C TYR B 49 10.34 -9.03 -3.10
N GLN B 50 9.45 -8.50 -2.26
CA GLN B 50 8.07 -9.02 -2.20
C GLN B 50 7.34 -8.83 -3.53
N HIS B 51 7.52 -7.67 -4.17
CA HIS B 51 6.84 -7.47 -5.44
C HIS B 51 7.44 -8.32 -6.55
N LEU B 52 8.76 -8.54 -6.52
CA LEU B 52 9.39 -9.43 -7.50
C LEU B 52 8.94 -10.87 -7.29
N ARG B 53 8.81 -11.30 -6.03
CA ARG B 53 8.24 -12.62 -5.75
C ARG B 53 6.84 -12.73 -6.33
N LEU B 54 6.03 -11.67 -6.19
CA LEU B 54 4.68 -11.68 -6.75
C LEU B 54 4.70 -11.83 -8.28
N ILE B 55 5.57 -11.07 -8.95
CA ILE B 55 5.70 -11.23 -10.40
C ILE B 55 6.03 -12.69 -10.75
N LEU B 56 7.04 -13.26 -10.08
CA LEU B 56 7.39 -14.65 -10.40
C LEU B 56 6.18 -15.57 -10.25
N SER B 57 5.36 -15.34 -9.22
CA SER B 57 4.21 -16.22 -8.97
C SER B 57 3.19 -16.14 -10.10
N LYS B 58 3.13 -15.03 -10.84
CA LYS B 58 2.21 -14.90 -11.96
C LYS B 58 2.73 -15.51 -13.25
N TYR B 59 4.03 -15.77 -13.36
CA TYR B 59 4.61 -16.37 -14.57
C TYR B 59 5.10 -17.76 -14.22
N ASP B 60 4.13 -18.64 -13.93
CA ASP B 60 4.38 -19.88 -13.20
C ASP B 60 4.39 -21.13 -14.07
N ASP B 61 4.71 -21.00 -15.36
CA ASP B 61 4.99 -22.17 -16.18
C ASP B 61 6.07 -21.79 -17.18
N ASN B 62 6.54 -22.79 -17.93
CA ASN B 62 7.72 -22.60 -18.75
C ASN B 62 7.50 -21.50 -19.78
N GLN B 63 6.32 -21.47 -20.42
CA GLN B 63 6.09 -20.51 -21.48
C GLN B 63 5.95 -19.10 -20.93
N LYS B 64 5.23 -18.95 -19.81
CA LYS B 64 5.12 -17.64 -19.18
C LYS B 64 6.48 -17.14 -18.72
N LEU B 65 7.28 -18.02 -18.12
CA LEU B 65 8.60 -17.58 -17.64
C LEU B 65 9.47 -17.15 -18.80
N ALA B 66 9.37 -17.86 -19.94
CA ALA B 66 10.13 -17.45 -21.12
C ALA B 66 9.69 -16.08 -21.61
N GLN B 67 8.39 -15.80 -21.59
CA GLN B 67 7.90 -14.46 -21.93
C GLN B 67 8.47 -13.41 -20.98
N LEU B 68 8.38 -13.67 -19.66
CA LEU B 68 8.85 -12.70 -18.68
C LEU B 68 10.33 -12.44 -18.83
N SER B 69 11.12 -13.52 -18.98
CA SER B 69 12.57 -13.42 -19.02
C SER B 69 13.07 -12.66 -20.23
N GLU B 70 12.30 -12.62 -21.31
CA GLU B 70 12.70 -11.90 -22.51
C GLU B 70 11.99 -10.55 -22.66
N ASN B 71 11.20 -10.14 -21.66
CA ASN B 71 10.55 -8.85 -21.68
C ASN B 71 11.60 -7.75 -21.51
N GLU B 72 11.58 -6.77 -22.42
CA GLU B 72 12.68 -5.79 -22.45
C GLU B 72 12.70 -4.94 -21.19
N TYR B 73 11.53 -4.48 -20.73
CA TYR B 73 11.49 -3.74 -19.47
C TYR B 73 12.05 -4.58 -18.32
N PHE B 74 11.58 -5.83 -18.20
CA PHE B 74 12.00 -6.64 -17.05
C PHE B 74 13.50 -6.94 -17.08
N LYS B 75 14.07 -7.20 -18.25
CA LYS B 75 15.51 -7.43 -18.34
C LYS B 75 16.29 -6.19 -17.89
N ILE B 76 15.88 -5.02 -18.36
CA ILE B 76 16.56 -3.78 -17.97
C ILE B 76 16.33 -3.49 -16.49
N TYR B 77 15.14 -3.80 -15.96
CA TYR B 77 14.86 -3.52 -14.55
C TYR B 77 15.75 -4.35 -13.65
N ILE B 78 15.85 -5.65 -13.94
CA ILE B 78 16.65 -6.55 -13.11
C ILE B 78 18.13 -6.20 -13.21
N ASP B 79 18.61 -5.96 -14.43
CA ASP B 79 19.99 -5.52 -14.61
C ASP B 79 20.26 -4.23 -13.85
N SER B 80 19.34 -3.26 -13.94
CA SER B 80 19.52 -2.00 -13.23
C SER B 80 19.51 -2.20 -11.73
N LEU B 81 18.61 -3.05 -11.23
CA LEU B 81 18.52 -3.30 -9.79
C LEU B 81 19.80 -3.95 -9.27
N MET B 82 20.35 -4.88 -10.06
CA MET B 82 21.62 -5.51 -9.70
C MET B 82 22.75 -4.49 -9.66
N LYS B 83 22.77 -3.56 -10.61
CA LYS B 83 23.86 -2.58 -10.66
C LYS B 83 23.75 -1.55 -9.53
N LYS B 84 22.55 -1.12 -9.17
CA LYS B 84 22.44 -0.19 -8.04
C LYS B 84 22.77 -0.90 -6.72
N SER B 85 22.44 -2.18 -6.60
CA SER B 85 22.77 -2.91 -5.38
C SER B 85 24.28 -3.06 -5.23
N LYS B 86 24.97 -3.42 -6.31
CA LYS B 86 26.42 -3.47 -6.28
C LYS B 86 27.02 -2.10 -5.97
N ARG B 87 26.42 -1.04 -6.54
CA ARG B 87 26.91 0.31 -6.24
C ARG B 87 26.81 0.60 -4.75
N ALA B 88 25.71 0.18 -4.11
CA ALA B 88 25.53 0.43 -2.68
C ALA B 88 26.53 -0.35 -1.85
N ILE B 89 26.72 -1.63 -2.19
CA ILE B 89 27.74 -2.44 -1.53
C ILE B 89 29.11 -1.77 -1.66
N ARG B 90 29.46 -1.35 -2.88
CA ARG B 90 30.73 -0.67 -3.09
C ARG B 90 30.84 0.60 -2.25
N LEU B 91 29.74 1.36 -2.15
CA LEU B 91 29.75 2.58 -1.37
C LEU B 91 30.20 2.32 0.06
N PHE B 92 29.67 1.27 0.69
CA PHE B 92 30.08 0.93 2.05
C PHE B 92 31.52 0.46 2.08
N LYS B 93 31.94 -0.35 1.10
CA LYS B 93 33.29 -0.88 1.08
C LYS B 93 34.32 0.24 1.00
N GLU B 94 34.10 1.19 0.09
CA GLU B 94 35.06 2.29 -0.06
C GLU B 94 34.85 3.41 0.95
N GLY B 95 33.64 3.56 1.48
CA GLY B 95 33.34 4.65 2.41
C GLY B 95 33.86 4.42 3.82
N LYS B 96 33.77 3.18 4.28
CA LYS B 96 34.28 2.76 5.59
C LYS B 96 33.62 3.65 6.66
N GLU B 97 34.39 4.27 7.56
CA GLU B 97 33.81 5.03 8.67
C GLU B 97 33.09 6.28 8.20
N ARG B 98 33.43 6.80 7.02
CA ARG B 98 32.73 7.98 6.50
C ARG B 98 31.24 7.71 6.31
N MET B 99 30.83 6.45 6.20
CA MET B 99 29.41 6.13 6.06
C MET B 99 28.63 6.51 7.30
N TYR B 100 29.30 6.67 8.43
CA TYR B 100 28.64 6.98 9.70
C TYR B 100 28.72 8.46 10.05
N GLU B 101 29.32 9.29 9.21
CA GLU B 101 29.25 10.73 9.31
C GLU B 101 28.00 11.22 8.57
N GLU B 102 27.08 11.85 9.29
CA GLU B 102 25.76 12.11 8.75
C GLU B 102 25.80 12.94 7.47
N ASN B 103 26.68 13.95 7.42
CA ASN B 103 26.72 14.88 6.30
C ASN B 103 27.94 14.66 5.41
N SER B 104 28.46 13.44 5.37
CA SER B 104 29.55 13.13 4.45
C SER B 104 29.01 12.90 3.05
N GLN B 105 29.87 13.12 2.05
CA GLN B 105 29.48 12.84 0.68
C GLN B 105 29.09 11.37 0.50
N ASP B 106 29.67 10.48 1.31
CA ASP B 106 29.31 9.07 1.21
C ASP B 106 27.88 8.82 1.69
N ARG B 107 27.49 9.44 2.80
CA ARG B 107 26.11 9.31 3.27
C ARG B 107 25.15 10.01 2.32
N ARG B 108 25.56 11.16 1.77
CA ARG B 108 24.72 11.80 0.76
C ARG B 108 24.51 10.88 -0.45
N ASN B 109 25.54 10.13 -0.84
CA ASN B 109 25.39 9.19 -1.95
C ASN B 109 24.50 8.01 -1.58
N LEU B 110 24.49 7.62 -0.30
CA LEU B 110 23.54 6.59 0.13
C LEU B 110 22.12 7.12 0.07
N THR B 111 21.92 8.40 0.40
CA THR B 111 20.60 8.98 0.30
C THR B 111 20.11 9.01 -1.15
N LYS B 112 21.02 9.32 -2.08
CA LYS B 112 20.64 9.29 -3.50
C LYS B 112 20.24 7.89 -3.94
N LEU B 113 21.00 6.87 -3.50
CA LEU B 113 20.63 5.50 -3.87
C LEU B 113 19.31 5.07 -3.24
N SER B 114 19.02 5.54 -2.02
CA SER B 114 17.74 5.22 -1.39
C SER B 114 16.58 5.80 -2.17
N LEU B 115 16.73 7.04 -2.66
CA LEU B 115 15.72 7.61 -3.53
C LEU B 115 15.57 6.79 -4.79
N ILE B 116 16.69 6.40 -5.40
CA ILE B 116 16.63 5.60 -6.63
C ILE B 116 15.88 4.30 -6.38
N PHE B 117 16.19 3.59 -5.29
CA PHE B 117 15.48 2.34 -5.03
C PHE B 117 14.00 2.59 -4.84
N SER B 118 13.65 3.67 -4.14
CA SER B 118 12.25 4.05 -3.97
C SER B 118 11.57 4.26 -5.32
N HIS B 119 12.23 4.99 -6.23
CA HIS B 119 11.65 5.25 -7.54
C HIS B 119 11.52 3.95 -8.35
N MET B 120 12.51 3.04 -8.24
CA MET B 120 12.44 1.76 -8.95
C MET B 120 11.28 0.92 -8.45
N LEU B 121 11.00 0.98 -7.14
CA LEU B 121 9.86 0.27 -6.59
C LEU B 121 8.56 0.83 -7.16
N ALA B 122 8.42 2.16 -7.15
CA ALA B 122 7.22 2.79 -7.71
C ALA B 122 7.05 2.39 -9.18
N GLU B 123 8.14 2.37 -9.94
CA GLU B 123 8.06 2.03 -11.36
C GLU B 123 7.63 0.57 -11.57
N ILE B 124 8.23 -0.37 -10.84
CA ILE B 124 7.87 -1.77 -11.06
C ILE B 124 6.43 -2.05 -10.63
N LYS B 125 5.94 -1.36 -9.59
CA LYS B 125 4.56 -1.55 -9.20
C LYS B 125 3.60 -0.96 -10.23
N ALA B 126 4.01 0.10 -10.93
CA ALA B 126 3.17 0.67 -11.98
C ALA B 126 3.21 -0.14 -13.28
N ILE B 127 4.35 -0.76 -13.59
CA ILE B 127 4.48 -1.50 -14.84
C ILE B 127 4.00 -2.94 -14.68
N PHE B 128 4.19 -3.54 -13.50
CA PHE B 128 3.68 -4.88 -13.18
C PHE B 128 2.68 -4.78 -12.03
N PRO B 129 1.55 -4.12 -12.25
CA PRO B 129 0.57 -4.00 -11.16
C PRO B 129 0.02 -5.39 -10.85
N ASN B 130 -0.04 -5.71 -9.56
CA ASN B 130 -0.44 -7.04 -9.10
C ASN B 130 0.39 -8.14 -9.75
N GLY B 131 1.64 -7.84 -10.08
CA GLY B 131 2.55 -8.86 -10.60
C GLY B 131 2.44 -9.16 -12.07
N GLN B 132 1.52 -8.53 -12.79
CA GLN B 132 1.25 -8.83 -14.19
C GLN B 132 1.71 -7.67 -15.08
N PHE B 133 2.55 -7.96 -16.07
CA PHE B 133 3.03 -6.91 -16.96
C PHE B 133 1.87 -6.21 -17.66
N GLN B 134 1.85 -4.86 -17.55
CA GLN B 134 0.86 -4.03 -18.23
C GLN B 134 1.52 -2.84 -18.94
N GLY B 135 2.85 -2.87 -19.09
CA GLY B 135 3.53 -1.71 -19.64
C GLY B 135 3.01 -1.30 -21.02
N ASP B 136 2.67 -2.29 -21.84
CA ASP B 136 2.22 -2.01 -23.20
C ASP B 136 0.82 -1.44 -23.25
N THR B 137 0.11 -1.40 -22.12
CA THR B 137 -1.20 -0.79 -22.02
C THR B 137 -1.19 0.41 -21.08
N PHE B 138 -0.02 0.92 -20.74
CA PHE B 138 0.09 2.04 -19.81
C PHE B 138 -0.60 3.28 -20.38
N ARG B 139 -1.41 3.94 -19.55
CA ARG B 139 -2.15 5.13 -19.97
C ARG B 139 -1.42 6.36 -19.44
N ILE B 140 -0.91 7.17 -20.36
CA ILE B 140 -0.22 8.40 -20.00
C ILE B 140 -1.26 9.46 -19.66
N THR B 141 -1.07 10.16 -18.53
CA THR B 141 -2.11 11.05 -18.02
C THR B 141 -2.41 12.20 -18.99
N LYS B 142 -1.39 12.97 -19.39
CA LYS B 142 -1.62 14.12 -20.24
C LYS B 142 -1.70 13.69 -21.70
N ALA B 143 -2.79 14.09 -22.37
CA ALA B 143 -3.07 13.52 -23.69
C ALA B 143 -2.10 14.00 -24.76
N ASP B 144 -1.65 15.27 -24.67
CA ASP B 144 -0.66 15.77 -25.61
C ASP B 144 0.67 15.05 -25.46
N ALA B 145 1.07 14.76 -24.22
CA ALA B 145 2.27 13.98 -24.01
C ALA B 145 2.09 12.54 -24.50
N ALA B 146 0.92 11.97 -24.23
CA ALA B 146 0.65 10.60 -24.68
C ALA B 146 0.80 10.50 -26.19
N GLU B 147 0.41 11.54 -26.93
CA GLU B 147 0.53 11.48 -28.38
C GLU B 147 1.98 11.47 -28.82
N PHE B 148 2.84 12.22 -28.12
CA PHE B 148 4.28 12.19 -28.41
C PHE B 148 4.82 10.79 -28.21
N TRP B 149 4.50 10.16 -27.07
CA TRP B 149 5.05 8.84 -26.78
C TRP B 149 4.61 7.82 -27.85
N ARG B 150 3.32 7.81 -28.18
CA ARG B 150 2.82 6.83 -29.14
C ARG B 150 3.43 7.07 -30.52
N LYS B 151 3.63 8.33 -30.90
CA LYS B 151 4.17 8.66 -32.20
C LYS B 151 5.57 8.09 -32.38
N PHE B 152 6.45 8.30 -31.40
CA PHE B 152 7.82 7.86 -31.55
C PHE B 152 8.07 6.47 -30.98
N PHE B 153 7.29 6.07 -29.97
CA PHE B 153 7.58 4.82 -29.27
C PHE B 153 6.41 3.86 -29.19
N GLY B 154 5.27 4.16 -29.81
CA GLY B 154 4.15 3.25 -29.86
C GLY B 154 3.79 2.72 -28.49
N ASP B 155 3.82 1.41 -28.30
CA ASP B 155 3.46 0.81 -27.02
C ASP B 155 4.67 0.32 -26.24
N LYS B 156 5.88 0.78 -26.61
CA LYS B 156 7.05 0.50 -25.80
C LYS B 156 6.88 0.96 -24.35
N THR B 157 7.44 0.19 -23.44
CA THR B 157 7.49 0.54 -22.03
C THR B 157 8.75 1.32 -21.67
N ILE B 158 9.81 1.18 -22.46
CA ILE B 158 11.11 1.70 -22.07
C ILE B 158 11.94 1.99 -23.31
N VAL B 159 12.70 3.08 -23.25
CA VAL B 159 13.47 3.60 -24.36
CA VAL B 159 13.49 3.56 -24.37
C VAL B 159 14.84 4.05 -23.84
N PRO B 160 15.92 3.81 -24.57
CA PRO B 160 17.23 4.37 -24.16
C PRO B 160 17.19 5.89 -24.16
N TRP B 161 17.91 6.49 -23.20
CA TRP B 161 17.97 7.95 -23.11
C TRP B 161 18.35 8.58 -24.45
N LYS B 162 19.37 8.03 -25.10
CA LYS B 162 19.87 8.63 -26.34
C LYS B 162 18.74 8.78 -27.35
N VAL B 163 17.96 7.71 -27.54
CA VAL B 163 16.85 7.77 -28.48
C VAL B 163 15.77 8.72 -27.99
N PHE B 164 15.44 8.65 -26.70
CA PHE B 164 14.42 9.54 -26.15
C PHE B 164 14.79 11.01 -26.38
N ARG B 165 16.05 11.37 -26.11
CA ARG B 165 16.46 12.76 -26.27
C ARG B 165 16.35 13.19 -27.73
N GLN B 166 16.73 12.31 -28.65
CA GLN B 166 16.67 12.65 -30.08
C GLN B 166 15.24 12.90 -30.54
N CYS B 167 14.28 12.11 -30.06
CA CYS B 167 12.90 12.33 -30.47
C CYS B 167 12.33 13.57 -29.78
N LEU B 168 12.60 13.75 -28.48
CA LEU B 168 12.13 14.93 -27.77
C LEU B 168 12.63 16.19 -28.45
N HIS B 169 13.93 16.20 -28.77
CA HIS B 169 14.53 17.34 -29.46
C HIS B 169 13.73 17.76 -30.69
N GLU B 170 13.12 16.80 -31.41
CA GLU B 170 12.37 17.14 -32.61
C GLU B 170 11.12 17.95 -32.33
N VAL B 171 10.61 17.88 -31.10
CA VAL B 171 9.43 18.62 -30.69
C VAL B 171 9.79 19.79 -29.78
N HIS B 172 10.70 19.57 -28.83
CA HIS B 172 11.15 20.60 -27.89
C HIS B 172 12.68 20.63 -27.98
N GLN B 173 13.20 21.63 -28.66
CA GLN B 173 14.64 21.72 -28.89
C GLN B 173 15.38 21.74 -27.56
N ILE B 174 16.38 20.86 -27.43
CA ILE B 174 17.28 20.84 -26.28
C ILE B 174 18.56 21.55 -26.70
N SER B 175 18.96 22.57 -25.97
CA SER B 175 19.92 23.54 -26.49
C SER B 175 21.38 23.15 -26.31
N SER B 176 21.69 22.21 -25.43
CA SER B 176 23.09 21.94 -25.13
C SER B 176 23.19 20.64 -24.35
N GLY B 177 24.41 20.13 -24.25
CA GLY B 177 24.65 18.96 -23.43
C GLY B 177 24.38 19.19 -21.96
N LEU B 178 24.72 20.40 -21.47
CA LEU B 178 24.43 20.73 -20.08
C LEU B 178 22.93 20.66 -19.78
N GLU B 179 22.11 21.20 -20.68
CA GLU B 179 20.67 21.14 -20.44
C GLU B 179 20.16 19.69 -20.55
N ALA B 180 20.69 18.93 -21.50
CA ALA B 180 20.29 17.53 -21.65
C ALA B 180 20.58 16.76 -20.37
N MET B 181 21.78 16.96 -19.81
CA MET B 181 22.15 16.21 -18.61
C MET B 181 21.27 16.62 -17.42
N ALA B 182 20.95 17.92 -17.32
CA ALA B 182 20.04 18.35 -16.27
C ALA B 182 18.65 17.77 -16.48
N LEU B 183 18.20 17.71 -17.73
CA LEU B 183 16.89 17.13 -18.02
C LEU B 183 16.88 15.64 -17.72
N LYS B 184 17.96 14.94 -18.08
CA LYS B 184 18.05 13.52 -17.76
C LYS B 184 17.92 13.27 -16.27
N SER B 185 18.55 14.10 -15.43
CA SER B 185 18.47 13.89 -13.99
C SER B 185 17.06 14.12 -13.46
N THR B 186 16.28 14.97 -14.12
CA THR B 186 14.88 15.14 -13.73
C THR B 186 14.01 13.97 -14.16
N ILE B 187 14.12 13.55 -15.44
CA ILE B 187 13.22 12.55 -15.98
C ILE B 187 13.62 11.15 -15.55
N ASP B 188 14.91 10.84 -15.63
CA ASP B 188 15.42 9.49 -15.40
C ASP B 188 15.53 9.28 -13.89
N LEU B 189 14.36 9.12 -13.25
CA LEU B 189 14.31 8.94 -11.80
C LEU B 189 15.14 7.75 -11.33
N THR B 190 15.10 6.63 -12.07
CA THR B 190 15.84 5.44 -11.68
C THR B 190 17.32 5.53 -12.02
N CYS B 191 17.75 6.58 -12.72
CA CYS B 191 19.17 6.80 -12.98
C CYS B 191 19.80 5.58 -13.64
N ASN B 192 19.14 5.06 -14.67
CA ASN B 192 19.67 3.90 -15.39
C ASN B 192 19.82 4.14 -16.88
N ASP B 193 19.77 5.39 -17.34
CA ASP B 193 19.98 5.75 -18.74
C ASP B 193 18.88 5.24 -19.64
N TYR B 194 17.75 4.84 -19.07
CA TYR B 194 16.56 4.46 -19.82
C TYR B 194 15.38 5.25 -19.27
N ILE B 195 14.52 5.70 -20.17
CA ILE B 195 13.30 6.41 -19.81
C ILE B 195 12.13 5.44 -19.95
N SER B 196 11.51 5.06 -18.83
CA SER B 196 10.31 4.24 -18.91
C SER B 196 9.09 5.13 -19.18
N VAL B 197 8.01 4.50 -19.66
CA VAL B 197 6.79 5.25 -19.88
C VAL B 197 6.30 5.83 -18.56
N PHE B 198 6.59 5.15 -17.45
CA PHE B 198 6.25 5.64 -16.12
C PHE B 198 7.02 6.92 -15.78
N GLU B 199 8.33 6.94 -16.01
CA GLU B 199 9.11 8.15 -15.81
C GLU B 199 8.61 9.29 -16.69
N PHE B 200 8.27 8.97 -17.94
CA PHE B 200 7.74 9.99 -18.85
C PHE B 200 6.44 10.56 -18.32
N ASP B 201 5.54 9.68 -17.86
CA ASP B 201 4.27 10.12 -17.32
C ASP B 201 4.47 11.07 -16.12
N ILE B 202 5.39 10.70 -15.22
CA ILE B 202 5.64 11.55 -14.04
CA ILE B 202 5.65 11.55 -14.05
C ILE B 202 6.14 12.92 -14.49
N PHE B 203 7.13 12.94 -15.38
CA PHE B 203 7.71 14.20 -15.81
C PHE B 203 6.67 15.11 -16.46
N THR B 204 5.80 14.54 -17.28
CA THR B 204 4.85 15.36 -18.03
C THR B 204 3.68 15.78 -17.16
N ARG B 205 3.36 15.03 -16.11
CA ARG B 205 2.38 15.52 -15.14
C ARG B 205 2.95 16.72 -14.39
N LEU B 206 4.21 16.64 -13.94
CA LEU B 206 4.79 17.69 -13.13
C LEU B 206 4.96 19.01 -13.91
N PHE B 207 5.40 18.92 -15.16
CA PHE B 207 5.84 20.13 -15.87
C PHE B 207 4.93 20.50 -17.02
N GLN B 208 3.70 20.00 -17.02
CA GLN B 208 2.66 20.42 -17.94
C GLN B 208 2.49 21.93 -17.92
N PRO B 209 1.99 22.53 -19.01
CA PRO B 209 1.53 21.86 -20.24
C PRO B 209 2.68 21.40 -21.12
N TRP B 210 2.38 20.36 -21.91
CA TRP B 210 3.37 19.77 -22.80
C TRP B 210 3.92 20.80 -23.78
N GLY B 211 3.07 21.70 -24.29
CA GLY B 211 3.51 22.61 -25.33
C GLY B 211 4.67 23.50 -24.94
N SER B 212 4.83 23.75 -23.63
CA SER B 212 5.88 24.61 -23.11
C SER B 212 6.72 23.88 -22.07
N ILE B 213 6.81 22.56 -22.17
CA ILE B 213 7.28 21.74 -21.05
C ILE B 213 8.71 22.10 -20.64
N LEU B 214 9.59 22.36 -21.62
CA LEU B 214 10.97 22.70 -21.25
C LEU B 214 11.07 24.09 -20.62
N ARG B 215 10.22 25.03 -21.03
CA ARG B 215 10.17 26.32 -20.36
C ARG B 215 9.68 26.15 -18.93
N ASN B 216 8.65 25.32 -18.73
CA ASN B 216 8.12 25.10 -17.39
C ASN B 216 9.15 24.44 -16.49
N TRP B 217 9.88 23.45 -17.04
CA TRP B 217 10.89 22.74 -16.27
C TRP B 217 12.06 23.65 -15.92
N ASN B 218 12.53 24.47 -16.88
CA ASN B 218 13.59 25.42 -16.55
C ASN B 218 13.14 26.40 -15.46
N PHE B 219 11.91 26.89 -15.55
CA PHE B 219 11.43 27.82 -14.53
C PHE B 219 11.32 27.13 -13.17
N LEU B 220 10.64 25.99 -13.10
CA LEU B 220 10.30 25.43 -11.80
C LEU B 220 11.45 24.67 -11.15
N ALA B 221 12.19 23.89 -11.94
CA ALA B 221 13.16 22.94 -11.40
C ALA B 221 14.60 23.36 -11.59
N VAL B 222 14.88 24.32 -12.45
CA VAL B 222 16.25 24.79 -12.65
C VAL B 222 16.50 26.12 -11.93
N THR B 223 15.60 27.09 -12.08
CA THR B 223 15.89 28.45 -11.66
C THR B 223 15.15 28.95 -10.42
N HIS B 224 14.09 28.30 -10.01
CA HIS B 224 13.25 28.82 -8.92
C HIS B 224 13.90 28.52 -7.57
N PRO B 225 14.10 29.54 -6.72
CA PRO B 225 14.66 29.28 -5.38
C PRO B 225 13.69 28.59 -4.45
N GLY B 226 12.40 28.52 -4.79
CA GLY B 226 11.45 27.80 -3.96
C GLY B 226 11.47 26.29 -4.10
N TYR B 227 12.14 25.76 -5.13
CA TYR B 227 12.10 24.35 -5.46
C TYR B 227 13.01 23.56 -4.52
N MET B 228 12.43 22.62 -3.78
CA MET B 228 13.16 21.82 -2.81
C MET B 228 13.37 20.38 -3.25
N ALA B 229 12.95 20.02 -4.45
CA ALA B 229 13.10 18.63 -4.95
C ALA B 229 12.32 17.73 -3.99
N PHE B 230 12.84 16.55 -3.66
CA PHE B 230 12.11 15.59 -2.83
C PHE B 230 12.30 15.92 -1.35
N LEU B 231 11.20 16.27 -0.68
CA LEU B 231 11.18 16.44 0.77
C LEU B 231 9.96 15.74 1.34
N THR B 232 10.06 15.28 2.58
CA THR B 232 8.90 14.77 3.28
C THR B 232 8.11 15.93 3.90
N TYR B 233 6.87 15.62 4.28
CA TYR B 233 6.04 16.60 4.98
C TYR B 233 6.76 17.16 6.20
N ASP B 234 7.40 16.29 6.99
CA ASP B 234 8.09 16.75 8.19
C ASP B 234 9.27 17.64 7.85
N GLU B 235 9.98 17.34 6.77
CA GLU B 235 11.15 18.13 6.41
C GLU B 235 10.75 19.50 5.87
N VAL B 236 9.59 19.59 5.23
CA VAL B 236 9.06 20.88 4.81
C VAL B 236 8.77 21.74 6.03
N LYS B 237 8.02 21.19 6.98
CA LYS B 237 7.70 21.91 8.21
C LYS B 237 8.98 22.36 8.90
N ALA B 238 9.97 21.47 9.01
CA ALA B 238 11.20 21.81 9.72
C ALA B 238 11.94 22.95 9.04
N ARG B 239 11.97 22.95 7.70
CA ARG B 239 12.75 23.95 6.97
C ARG B 239 12.10 25.32 7.05
N LEU B 240 10.76 25.37 7.06
CA LEU B 240 10.07 26.64 7.14
C LEU B 240 10.04 27.19 8.57
N GLN B 241 10.30 26.35 9.59
CA GLN B 241 10.30 26.84 10.96
C GLN B 241 11.14 28.11 11.14
N LYS B 242 12.31 28.16 10.49
CA LYS B 242 13.18 29.32 10.68
C LYS B 242 12.62 30.58 10.01
N TYR B 243 11.54 30.47 9.24
CA TYR B 243 10.90 31.62 8.62
C TYR B 243 9.51 31.88 9.20
N SER B 244 9.21 31.30 10.38
CA SER B 244 7.86 31.42 10.92
C SER B 244 7.50 32.87 11.24
N THR B 245 8.48 33.74 11.42
CA THR B 245 8.24 35.15 11.65
C THR B 245 8.21 35.96 10.36
N LYS B 246 8.26 35.31 9.20
CA LYS B 246 8.17 35.99 7.91
C LYS B 246 7.01 35.38 7.15
N PRO B 247 5.80 35.88 7.39
CA PRO B 247 4.63 35.39 6.63
C PRO B 247 4.84 35.57 5.14
N GLY B 248 4.33 34.60 4.37
CA GLY B 248 4.52 34.60 2.94
C GLY B 248 5.71 33.80 2.45
N SER B 249 6.58 33.35 3.35
CA SER B 249 7.64 32.43 2.97
C SER B 249 7.01 31.11 2.55
N TYR B 250 7.57 30.50 1.51
CA TYR B 250 6.99 29.27 0.97
C TYR B 250 8.06 28.50 0.21
N ILE B 251 7.82 27.19 0.07
CA ILE B 251 8.62 26.31 -0.75
C ILE B 251 7.70 25.29 -1.39
N PHE B 252 8.17 24.67 -2.48
CA PHE B 252 7.41 23.60 -3.10
C PHE B 252 8.34 22.42 -3.35
N ARG B 253 7.76 21.22 -3.33
CA ARG B 253 8.56 20.02 -3.27
C ARG B 253 7.84 18.86 -3.94
N LEU B 254 8.57 17.75 -4.07
CA LEU B 254 8.06 16.50 -4.60
C LEU B 254 8.02 15.49 -3.47
N SER B 255 7.14 14.50 -3.58
CA SER B 255 7.00 13.45 -2.57
C SER B 255 7.40 12.12 -3.19
N CYS B 256 8.37 11.44 -2.57
CA CYS B 256 8.80 10.16 -3.11
C CYS B 256 7.74 9.09 -2.91
N THR B 257 6.82 9.28 -1.97
CA THR B 257 5.70 8.35 -1.77
C THR B 257 4.57 8.57 -2.78
N ARG B 258 4.48 9.76 -3.40
CA ARG B 258 3.40 10.08 -4.35
C ARG B 258 4.01 10.83 -5.54
N LEU B 259 4.63 10.06 -6.44
CA LEU B 259 5.34 10.62 -7.57
C LEU B 259 4.36 11.29 -8.53
N GLY B 260 4.83 12.33 -9.22
CA GLY B 260 4.02 13.02 -10.19
C GLY B 260 3.11 14.09 -9.63
N GLN B 261 3.18 14.39 -8.32
CA GLN B 261 2.35 15.41 -7.70
C GLN B 261 3.21 16.39 -6.88
N TRP B 262 2.87 17.66 -6.99
CA TRP B 262 3.56 18.73 -6.26
C TRP B 262 2.87 19.00 -4.93
N ALA B 263 3.65 19.50 -3.97
CA ALA B 263 3.13 19.96 -2.70
C ALA B 263 3.80 21.29 -2.37
N ILE B 264 3.09 22.13 -1.61
CA ILE B 264 3.56 23.46 -1.24
C ILE B 264 3.48 23.59 0.27
N GLY B 265 4.45 24.28 0.86
CA GLY B 265 4.40 24.68 2.27
C GLY B 265 4.60 26.17 2.34
N TYR B 266 3.89 26.83 3.26
CA TYR B 266 4.00 28.27 3.37
C TYR B 266 3.68 28.71 4.79
N VAL B 267 4.17 29.90 5.14
CA VAL B 267 3.97 30.49 6.46
C VAL B 267 2.76 31.43 6.38
N THR B 268 1.78 31.20 7.25
CA THR B 268 0.60 32.05 7.30
C THR B 268 0.88 33.35 8.07
N GLY B 269 -0.04 34.30 7.94
CA GLY B 269 0.07 35.55 8.69
C GLY B 269 0.24 35.35 10.19
N ASP B 270 -0.35 34.28 10.73
CA ASP B 270 -0.23 34.00 12.16
C ASP B 270 1.09 33.30 12.51
N GLY B 271 1.99 33.14 11.55
CA GLY B 271 3.23 32.45 11.79
C GLY B 271 3.14 30.94 11.81
N ASN B 272 2.00 30.37 11.46
CA ASN B 272 1.87 28.94 11.36
C ASN B 272 2.34 28.45 9.99
N ILE B 273 2.76 27.19 9.95
CA ILE B 273 3.25 26.56 8.73
C ILE B 273 2.18 25.61 8.22
N LEU B 274 1.62 25.92 7.05
CA LEU B 274 0.63 25.07 6.39
C LEU B 274 1.19 24.47 5.12
N GLN B 275 0.66 23.32 4.74
CA GLN B 275 1.06 22.65 3.51
C GLN B 275 -0.19 22.26 2.73
N THR B 276 -0.08 22.29 1.40
CA THR B 276 -1.24 22.09 0.56
C THR B 276 -0.82 21.38 -0.73
N ILE B 277 -1.75 20.64 -1.30
CA ILE B 277 -1.50 19.92 -2.55
C ILE B 277 -2.33 20.58 -3.65
N PRO B 278 -1.73 21.37 -4.53
CA PRO B 278 -2.52 22.03 -5.57
C PRO B 278 -3.10 21.01 -6.54
N HIS B 279 -4.31 21.28 -7.01
CA HIS B 279 -5.04 20.38 -7.89
C HIS B 279 -5.57 21.15 -9.08
N ASN B 280 -5.71 20.45 -10.20
CA ASN B 280 -6.40 20.93 -11.40
C ASN B 280 -5.69 22.08 -12.10
N LYS B 281 -4.43 22.36 -11.78
CA LYS B 281 -3.70 23.43 -12.46
C LYS B 281 -2.21 23.15 -12.41
N PRO B 282 -1.46 23.59 -13.42
CA PRO B 282 0.00 23.44 -13.36
C PRO B 282 0.58 24.25 -12.21
N LEU B 283 1.71 23.78 -11.70
CA LEU B 283 2.27 24.37 -10.48
C LEU B 283 2.54 25.86 -10.65
N PHE B 284 3.12 26.27 -11.79
CA PHE B 284 3.46 27.68 -11.94
C PHE B 284 2.21 28.56 -11.92
N GLN B 285 1.06 28.02 -12.33
CA GLN B 285 -0.17 28.78 -12.24
C GLN B 285 -0.65 28.86 -10.79
N ALA B 286 -0.54 27.74 -10.06
CA ALA B 286 -0.89 27.77 -8.64
C ALA B 286 0.01 28.71 -7.85
N LEU B 287 1.27 28.85 -8.26
CA LEU B 287 2.15 29.79 -7.59
C LEU B 287 1.78 31.23 -7.91
N ILE B 288 1.42 31.49 -9.18
CA ILE B 288 0.95 32.81 -9.56
C ILE B 288 -0.28 33.20 -8.74
N ASP B 289 -1.25 32.30 -8.66
CA ASP B 289 -2.49 32.59 -7.94
C ASP B 289 -2.24 32.79 -6.45
N GLY B 290 -1.47 31.89 -5.84
CA GLY B 290 -1.10 32.06 -4.45
C GLY B 290 -0.34 33.34 -4.20
N SER B 291 0.46 33.79 -5.16
CA SER B 291 1.20 35.04 -5.00
C SER B 291 0.26 36.23 -5.08
N ARG B 292 -0.66 36.23 -6.04
CA ARG B 292 -1.58 37.35 -6.19
C ARG B 292 -2.50 37.49 -4.98
N GLU B 293 -2.64 36.45 -4.17
CA GLU B 293 -3.49 36.48 -2.99
C GLU B 293 -2.71 36.70 -1.69
N GLY B 294 -1.40 36.90 -1.77
CA GLY B 294 -0.61 37.20 -0.61
C GLY B 294 -0.03 36.01 0.14
N PHE B 295 -0.24 34.78 -0.35
CA PHE B 295 0.21 33.60 0.38
C PHE B 295 1.65 33.20 0.04
N TYR B 296 2.05 33.34 -1.22
CA TYR B 296 3.34 32.84 -1.71
C TYR B 296 4.14 34.06 -2.15
N LEU B 297 4.95 34.58 -1.22
CA LEU B 297 5.70 35.81 -1.46
C LEU B 297 7.21 35.65 -1.46
N TYR B 298 7.76 34.74 -0.66
CA TYR B 298 9.20 34.70 -0.40
C TYR B 298 9.71 33.27 -0.53
N PRO B 299 10.16 32.88 -1.72
CA PRO B 299 10.54 31.47 -1.93
C PRO B 299 11.74 31.10 -1.08
N ASP B 300 11.57 30.07 -0.25
CA ASP B 300 12.61 29.68 0.71
C ASP B 300 13.03 30.86 1.60
N GLY B 301 12.09 31.79 1.81
CA GLY B 301 12.33 32.95 2.65
C GLY B 301 13.10 34.08 1.98
N ARG B 302 13.39 33.97 0.69
CA ARG B 302 14.18 34.97 0.00
C ARG B 302 13.31 36.15 -0.45
N SER B 303 13.96 37.30 -0.66
CA SER B 303 13.24 38.56 -0.85
C SER B 303 12.56 38.68 -2.20
N TYR B 304 12.99 37.93 -3.22
CA TYR B 304 12.47 38.09 -4.58
C TYR B 304 11.77 36.81 -5.02
N ASN B 305 10.61 36.98 -5.65
CA ASN B 305 9.77 35.86 -6.06
C ASN B 305 9.58 35.89 -7.57
N PRO B 306 10.23 35.02 -8.32
CA PRO B 306 10.04 35.03 -9.78
C PRO B 306 8.68 34.45 -10.14
N ASP B 307 8.07 35.00 -11.19
CA ASP B 307 6.77 34.55 -11.69
C ASP B 307 6.89 34.13 -13.15
N LEU B 308 6.13 33.10 -13.53
CA LEU B 308 6.11 32.63 -14.91
C LEU B 308 4.82 33.08 -15.61
#